data_1RQJ
#
_entry.id   1RQJ
#
_cell.length_a   88.800
_cell.length_b   88.800
_cell.length_c   174.988
_cell.angle_alpha   90.00
_cell.angle_beta   90.00
_cell.angle_gamma   90.00
#
_symmetry.space_group_name_H-M   'P 41 2 2'
#
loop_
_entity.id
_entity.type
_entity.pdbx_description
1 polymer Geranyltranstransferase
2 non-polymer 'MAGNESIUM ION'
3 non-polymer '3-METHYLBUT-3-ENYL TRIHYDROGEN DIPHOSPHATE'
4 non-polymer '1-HYDROXY-2-(3-PYRIDINYL)ETHYLIDENE BIS-PHOSPHONIC ACID'
5 water water
#
_entity_poly.entity_id   1
_entity_poly.type   'polypeptide(L)'
_entity_poly.pdbx_seq_one_letter_code
;MDFPQQLEACVKQANQALSRFIAPLPFQNTPVVETMQYGALLGGKRLRPFLVYATGHMFGVSTNTLDAPAAAVECIHAYS
LIHDDLPAMDDDDLRRGLPTCHVKFGEANAILAGDALQTLAFSILSDADMPEVSDRDRISMISELASASGIAGMCGGQAL
DLDAEGKHVPLDALERIHRHKTGALIRAAVRLGALSAGDKGRRALPVLDKYAESIGLAFQVQDDILDVVGDTATLGKRQG
ADQQLGKSTYPALLGLEQARKKARDLIDDARQSLKQLAEQSLDTSALEALADYIIQRNK
;
_entity_poly.pdbx_strand_id   A,B
#
# COMPACT_ATOMS: atom_id res chain seq x y z
N MET A 1 13.94 -19.14 -10.98
CA MET A 1 13.32 -20.43 -10.59
C MET A 1 11.80 -20.32 -10.64
N ASP A 2 11.24 -19.28 -10.02
CA ASP A 2 9.78 -19.14 -9.93
C ASP A 2 9.24 -18.27 -11.06
N PHE A 3 8.65 -18.94 -12.05
CA PHE A 3 8.32 -18.28 -13.30
C PHE A 3 7.21 -17.24 -13.21
N PRO A 4 6.07 -17.56 -12.60
CA PRO A 4 5.02 -16.55 -12.41
C PRO A 4 5.53 -15.25 -11.76
N GLN A 5 6.42 -15.34 -10.77
CA GLN A 5 6.99 -14.14 -10.14
C GLN A 5 7.91 -13.37 -11.09
N GLN A 6 8.64 -14.09 -11.93
CA GLN A 6 9.49 -13.45 -12.94
C GLN A 6 8.64 -12.71 -13.97
N LEU A 7 7.58 -13.35 -14.45
CA LEU A 7 6.65 -12.73 -15.37
C LEU A 7 6.09 -11.43 -14.79
N GLU A 8 5.66 -11.45 -13.54
CA GLU A 8 5.06 -10.25 -12.95
C GLU A 8 6.13 -9.16 -12.74
N ALA A 9 7.33 -9.57 -12.32
CA ALA A 9 8.46 -8.65 -12.23
C ALA A 9 8.71 -7.97 -13.57
N CYS A 10 8.68 -8.75 -14.64
CA CYS A 10 8.86 -8.21 -15.99
C CYS A 10 7.73 -7.26 -16.38
N VAL A 11 6.49 -7.61 -16.07
CA VAL A 11 5.36 -6.74 -16.39
C VAL A 11 5.53 -5.35 -15.74
N LYS A 12 5.94 -5.34 -14.48
CA LYS A 12 6.16 -4.10 -13.76
C LYS A 12 7.34 -3.30 -14.33
N GLN A 13 8.44 -3.99 -14.60
CA GLN A 13 9.62 -3.34 -15.17
C GLN A 13 9.26 -2.70 -16.51
N ALA A 14 8.64 -3.48 -17.40
CA ALA A 14 8.31 -3.00 -18.75
C ALA A 14 7.31 -1.86 -18.73
N ASN A 15 6.34 -1.94 -17.83
CA ASN A 15 5.33 -0.88 -17.71
C ASN A 15 5.94 0.42 -17.25
N GLN A 16 6.85 0.34 -16.30
CA GLN A 16 7.62 1.50 -15.82
C GLN A 16 8.45 2.12 -16.94
N ALA A 17 9.15 1.26 -17.68
CA ALA A 17 9.93 1.68 -18.84
C ALA A 17 9.03 2.40 -19.85
N LEU A 18 7.94 1.75 -20.25
CA LEU A 18 7.01 2.33 -21.22
C LEU A 18 6.48 3.69 -20.73
N SER A 19 6.07 3.73 -19.47
CA SER A 19 5.52 4.95 -18.88
C SER A 19 6.52 6.09 -18.91
N ARG A 20 7.79 5.79 -18.66
CA ARG A 20 8.82 6.82 -18.63
C ARG A 20 9.10 7.39 -20.01
N PHE A 21 8.97 6.55 -21.04
CA PHE A 21 9.16 7.01 -22.41
C PHE A 21 7.93 7.73 -22.94
N ILE A 22 6.78 7.44 -22.37
CA ILE A 22 5.54 8.11 -22.76
C ILE A 22 5.37 9.46 -22.02
N ALA A 23 5.90 9.58 -20.80
CA ALA A 23 5.64 10.74 -19.94
C ALA A 23 6.10 12.11 -20.46
N PRO A 24 7.26 12.20 -21.13
CA PRO A 24 7.70 13.49 -21.70
C PRO A 24 7.00 13.91 -22.98
N LEU A 25 6.12 13.07 -23.51
CA LEU A 25 5.41 13.39 -24.73
C LEU A 25 4.42 14.51 -24.47
N PRO A 26 4.22 15.38 -25.45
CA PRO A 26 3.18 16.41 -25.33
C PRO A 26 1.80 15.79 -25.47
N PHE A 27 0.77 16.59 -25.22
CA PHE A 27 -0.63 16.20 -25.39
C PHE A 27 -1.05 15.09 -24.43
N GLN A 28 -0.45 15.07 -23.24
CA GLN A 28 -0.89 14.18 -22.16
C GLN A 28 -2.33 14.51 -21.86
N ASN A 29 -3.10 13.48 -21.56
CA ASN A 29 -4.51 13.63 -21.20
C ASN A 29 -5.34 14.21 -22.35
N THR A 30 -4.95 13.91 -23.58
CA THR A 30 -5.82 14.09 -24.74
C THR A 30 -6.11 12.70 -25.30
N PRO A 31 -7.19 12.52 -26.08
CA PRO A 31 -7.58 11.18 -26.55
C PRO A 31 -6.50 10.34 -27.26
N VAL A 32 -5.69 10.91 -28.14
CA VAL A 32 -4.70 10.09 -28.85
C VAL A 32 -3.63 9.52 -27.90
N VAL A 33 -3.14 10.34 -26.96
CA VAL A 33 -2.15 9.86 -26.01
C VAL A 33 -2.78 8.90 -25.01
N GLU A 34 -4.01 9.17 -24.58
CA GLU A 34 -4.73 8.25 -23.72
C GLU A 34 -4.97 6.91 -24.42
N THR A 35 -5.20 6.97 -25.73
CA THR A 35 -5.35 5.76 -26.53
C THR A 35 -4.03 4.99 -26.53
N MET A 36 -2.93 5.70 -26.73
CA MET A 36 -1.61 5.06 -26.72
C MET A 36 -1.35 4.37 -25.37
N GLN A 37 -1.69 5.05 -24.28
CA GLN A 37 -1.45 4.55 -22.93
C GLN A 37 -2.33 3.34 -22.62
N TYR A 38 -3.57 3.39 -23.09
CA TYR A 38 -4.51 2.30 -22.90
C TYR A 38 -4.03 1.07 -23.64
N GLY A 39 -3.73 1.27 -24.92
CA GLY A 39 -3.35 0.18 -25.79
C GLY A 39 -1.98 -0.39 -25.48
N ALA A 40 -1.07 0.40 -24.89
CA ALA A 40 0.28 -0.07 -24.60
C ALA A 40 0.43 -0.63 -23.18
N LEU A 41 -0.28 -0.04 -22.24
CA LEU A 41 0.00 -0.30 -20.81
C LEU A 41 -1.05 -1.11 -20.06
N LEU A 42 -2.31 -1.08 -20.49
CA LEU A 42 -3.40 -1.74 -19.74
C LEU A 42 -3.58 -3.21 -20.14
N GLY A 43 -2.96 -4.10 -19.37
CA GLY A 43 -2.99 -5.53 -19.63
C GLY A 43 -1.85 -5.92 -20.55
N GLY A 44 -1.77 -7.22 -20.84
CA GLY A 44 -0.72 -7.78 -21.67
C GLY A 44 0.33 -8.45 -20.82
N LYS A 45 0.89 -9.53 -21.34
CA LYS A 45 1.81 -10.39 -20.59
C LYS A 45 3.26 -9.88 -20.62
N ARG A 46 3.53 -8.95 -21.52
CA ARG A 46 4.86 -8.38 -21.77
C ARG A 46 5.93 -9.43 -22.07
N LEU A 47 5.59 -10.46 -22.85
CA LEU A 47 6.56 -11.51 -23.12
C LEU A 47 7.66 -11.08 -24.08
N ARG A 48 7.40 -10.09 -24.91
CA ARG A 48 8.46 -9.60 -25.76
C ARG A 48 9.50 -8.81 -24.97
N PRO A 49 9.10 -7.87 -24.13
CA PRO A 49 10.05 -7.32 -23.15
C PRO A 49 10.76 -8.40 -22.36
N PHE A 50 10.03 -9.43 -21.92
CA PHE A 50 10.61 -10.54 -21.20
C PHE A 50 11.78 -11.12 -22.00
N LEU A 51 11.57 -11.33 -23.29
CA LEU A 51 12.61 -11.82 -24.18
C LEU A 51 13.81 -10.88 -24.28
N VAL A 52 13.55 -9.59 -24.35
CA VAL A 52 14.61 -8.60 -24.45
C VAL A 52 15.47 -8.64 -23.18
N TYR A 53 14.81 -8.59 -22.02
CA TYR A 53 15.45 -8.59 -20.71
C TYR A 53 16.21 -9.88 -20.47
N ALA A 54 15.57 -11.02 -20.72
CA ALA A 54 16.18 -12.32 -20.48
C ALA A 54 17.40 -12.50 -21.36
N THR A 55 17.31 -12.07 -22.62
CA THR A 55 18.42 -12.23 -23.54
C THR A 55 19.58 -11.34 -23.14
N GLY A 56 19.32 -10.05 -22.95
CA GLY A 56 20.35 -9.13 -22.51
C GLY A 56 20.97 -9.53 -21.19
N HIS A 57 20.14 -10.01 -20.27
CA HIS A 57 20.61 -10.43 -18.94
C HIS A 57 21.61 -11.57 -19.03
N MET A 58 21.42 -12.46 -20.01
CA MET A 58 22.36 -13.56 -20.24
C MET A 58 23.78 -13.06 -20.46
N PHE A 59 23.91 -11.87 -21.06
CA PHE A 59 25.22 -11.26 -21.34
C PHE A 59 25.66 -10.20 -20.33
N GLY A 60 24.91 -10.07 -19.25
CA GLY A 60 25.25 -9.18 -18.16
C GLY A 60 24.93 -7.72 -18.45
N VAL A 61 24.08 -7.45 -19.44
CA VAL A 61 23.70 -6.05 -19.64
C VAL A 61 22.63 -5.64 -18.60
N SER A 62 22.73 -4.39 -18.18
CA SER A 62 21.90 -3.85 -17.12
C SER A 62 20.44 -3.78 -17.56
N THR A 63 19.55 -4.13 -16.64
CA THR A 63 18.14 -4.05 -16.87
C THR A 63 17.71 -2.65 -17.35
N ASN A 64 18.33 -1.61 -16.79
CA ASN A 64 17.99 -0.23 -17.14
C ASN A 64 18.27 0.13 -18.61
N THR A 65 19.36 -0.37 -19.16
CA THR A 65 19.63 -0.16 -20.59
C THR A 65 18.66 -0.98 -21.42
N LEU A 66 18.28 -2.16 -20.94
CA LEU A 66 17.35 -3.01 -21.67
C LEU A 66 15.93 -2.45 -21.69
N ASP A 67 15.61 -1.52 -20.79
CA ASP A 67 14.33 -0.85 -20.77
C ASP A 67 14.02 -0.25 -22.14
N ALA A 68 15.04 0.25 -22.82
CA ALA A 68 14.85 0.91 -24.12
C ALA A 68 14.37 -0.07 -25.18
N PRO A 69 15.14 -1.11 -25.52
CA PRO A 69 14.66 -2.11 -26.48
C PRO A 69 13.40 -2.84 -26.01
N ALA A 70 13.27 -3.11 -24.71
CA ALA A 70 12.08 -3.75 -24.20
C ALA A 70 10.85 -2.88 -24.50
N ALA A 71 10.96 -1.58 -24.27
CA ALA A 71 9.85 -0.67 -24.46
C ALA A 71 9.55 -0.48 -25.95
N ALA A 72 10.62 -0.43 -26.75
CA ALA A 72 10.49 -0.25 -28.19
C ALA A 72 9.75 -1.41 -28.83
N VAL A 73 10.16 -2.64 -28.49
CA VAL A 73 9.50 -3.82 -29.05
C VAL A 73 8.05 -3.92 -28.59
N GLU A 74 7.77 -3.53 -27.35
CA GLU A 74 6.41 -3.53 -26.83
C GLU A 74 5.59 -2.42 -27.47
N CYS A 75 6.20 -1.31 -27.84
CA CYS A 75 5.49 -0.27 -28.61
C CYS A 75 5.07 -0.81 -29.95
N ILE A 76 5.96 -1.50 -30.66
CA ILE A 76 5.60 -2.08 -31.95
C ILE A 76 4.47 -3.08 -31.75
N HIS A 77 4.61 -3.95 -30.75
CA HIS A 77 3.62 -4.96 -30.46
C HIS A 77 2.27 -4.32 -30.20
N ALA A 78 2.26 -3.34 -29.30
CA ALA A 78 1.02 -2.62 -28.96
C ALA A 78 0.37 -1.99 -30.19
N TYR A 79 1.19 -1.39 -31.06
CA TYR A 79 0.68 -0.75 -32.25
C TYR A 79 0.05 -1.81 -33.15
N SER A 80 0.68 -2.97 -33.25
CA SER A 80 0.21 -4.00 -34.15
C SER A 80 -1.19 -4.50 -33.73
N LEU A 81 -1.45 -4.55 -32.44
CA LEU A 81 -2.74 -5.06 -31.95
C LEU A 81 -3.82 -4.02 -32.13
N ILE A 82 -3.47 -2.76 -31.97
CA ILE A 82 -4.44 -1.67 -32.10
C ILE A 82 -4.99 -1.72 -33.52
N HIS A 83 -4.10 -1.87 -34.52
CA HIS A 83 -4.53 -1.85 -35.91
C HIS A 83 -5.18 -3.16 -36.31
N ASP A 84 -4.71 -4.25 -35.73
CA ASP A 84 -5.24 -5.58 -35.97
C ASP A 84 -6.71 -5.69 -35.59
N ASP A 85 -7.11 -5.04 -34.50
CA ASP A 85 -8.50 -5.10 -34.04
C ASP A 85 -9.45 -4.23 -34.83
N LEU A 86 -8.94 -3.32 -35.66
CA LEU A 86 -9.80 -2.38 -36.39
C LEU A 86 -10.87 -3.10 -37.22
N PRO A 87 -12.01 -2.45 -37.42
CA PRO A 87 -13.08 -3.01 -38.28
C PRO A 87 -12.62 -3.52 -39.65
N ALA A 88 -11.73 -2.80 -40.32
CA ALA A 88 -11.23 -3.21 -41.63
C ALA A 88 -10.26 -4.40 -41.55
N MET A 89 -9.76 -4.66 -40.34
CA MET A 89 -8.82 -5.74 -40.10
C MET A 89 -9.57 -6.93 -39.47
N ASP A 90 -9.35 -7.21 -38.18
CA ASP A 90 -10.01 -8.36 -37.55
C ASP A 90 -11.35 -8.03 -36.89
N ASP A 91 -11.61 -6.74 -36.69
CA ASP A 91 -12.91 -6.24 -36.19
C ASP A 91 -13.29 -6.91 -34.88
N ASP A 92 -12.38 -6.79 -33.92
CA ASP A 92 -12.56 -7.38 -32.60
C ASP A 92 -12.91 -6.27 -31.64
N ASP A 93 -13.82 -6.55 -30.71
CA ASP A 93 -14.26 -5.54 -29.77
C ASP A 93 -13.66 -5.71 -28.38
N LEU A 94 -12.96 -6.82 -28.14
CA LEU A 94 -12.34 -7.09 -26.85
C LEU A 94 -10.86 -7.45 -26.99
N ARG A 95 -10.03 -6.92 -26.09
CA ARG A 95 -8.66 -7.36 -25.92
C ARG A 95 -8.19 -7.06 -24.50
N ARG A 96 -7.43 -7.98 -23.92
CA ARG A 96 -6.96 -7.87 -22.54
C ARG A 96 -8.09 -7.60 -21.53
N GLY A 97 -9.26 -8.14 -21.85
CA GLY A 97 -10.42 -8.11 -20.95
C GLY A 97 -11.24 -6.85 -21.08
N LEU A 98 -10.87 -5.96 -22.02
CA LEU A 98 -11.45 -4.62 -22.10
C LEU A 98 -11.85 -4.27 -23.53
N PRO A 99 -12.71 -3.27 -23.71
CA PRO A 99 -12.97 -2.75 -25.06
C PRO A 99 -11.64 -2.48 -25.79
N THR A 100 -11.58 -2.88 -27.05
CA THR A 100 -10.43 -2.56 -27.92
C THR A 100 -10.33 -1.04 -28.11
N CYS A 101 -9.15 -0.59 -28.53
CA CYS A 101 -8.89 0.84 -28.65
C CYS A 101 -9.91 1.56 -29.51
N HIS A 102 -10.27 0.96 -30.64
CA HIS A 102 -11.16 1.63 -31.58
C HIS A 102 -12.58 1.73 -31.01
N VAL A 103 -12.98 0.75 -30.21
CA VAL A 103 -14.28 0.82 -29.53
C VAL A 103 -14.29 1.97 -28.51
N LYS A 104 -13.32 2.00 -27.60
CA LYS A 104 -13.32 2.98 -26.51
C LYS A 104 -13.02 4.41 -26.98
N PHE A 105 -12.09 4.56 -27.94
CA PHE A 105 -11.64 5.88 -28.38
C PHE A 105 -11.99 6.26 -29.83
N GLY A 106 -12.58 5.33 -30.56
CA GLY A 106 -12.93 5.57 -31.97
C GLY A 106 -11.83 5.06 -32.89
N GLU A 107 -12.18 4.94 -34.16
CA GLU A 107 -11.29 4.34 -35.14
C GLU A 107 -10.13 5.27 -35.46
N ALA A 108 -10.42 6.56 -35.62
CA ALA A 108 -9.38 7.54 -35.96
C ALA A 108 -8.30 7.57 -34.87
N ASN A 109 -8.72 7.67 -33.60
CA ASN A 109 -7.78 7.66 -32.48
C ASN A 109 -6.96 6.38 -32.43
N ALA A 110 -7.58 5.25 -32.72
CA ALA A 110 -6.89 3.97 -32.77
C ALA A 110 -5.81 3.92 -33.88
N ILE A 111 -6.15 4.39 -35.07
CA ILE A 111 -5.22 4.47 -36.18
C ILE A 111 -4.03 5.34 -35.81
N LEU A 112 -4.30 6.53 -35.31
CA LEU A 112 -3.27 7.49 -34.99
C LEU A 112 -2.42 7.05 -33.82
N ALA A 113 -3.06 6.44 -32.80
CA ALA A 113 -2.31 5.97 -31.64
C ALA A 113 -1.38 4.84 -32.02
N GLY A 114 -1.81 3.97 -32.91
CA GLY A 114 -0.94 2.90 -33.37
C GLY A 114 0.20 3.48 -34.19
N ASP A 115 -0.12 4.42 -35.08
CA ASP A 115 0.87 5.15 -35.86
C ASP A 115 1.93 5.75 -34.95
N ALA A 116 1.48 6.46 -33.91
CA ALA A 116 2.37 7.14 -33.00
C ALA A 116 3.17 6.19 -32.13
N LEU A 117 2.58 5.05 -31.75
CA LEU A 117 3.33 4.04 -30.99
C LEU A 117 4.47 3.44 -31.82
N GLN A 118 4.24 3.21 -33.12
CA GLN A 118 5.30 2.74 -34.00
C GLN A 118 6.44 3.75 -34.01
N THR A 119 6.09 5.03 -34.18
CA THR A 119 7.09 6.08 -34.20
C THR A 119 7.85 6.16 -32.89
N LEU A 120 7.12 6.00 -31.80
CA LEU A 120 7.71 6.09 -30.47
C LEU A 120 8.80 5.02 -30.28
N ALA A 121 8.57 3.84 -30.82
CA ALA A 121 9.53 2.75 -30.77
C ALA A 121 10.88 3.21 -31.32
N PHE A 122 10.86 3.95 -32.42
CA PHE A 122 12.08 4.45 -33.05
C PHE A 122 12.65 5.67 -32.36
N SER A 123 11.80 6.48 -31.73
CA SER A 123 12.30 7.56 -30.86
C SER A 123 13.03 6.98 -29.67
N ILE A 124 12.51 5.89 -29.12
CA ILE A 124 13.12 5.26 -27.96
C ILE A 124 14.50 4.75 -28.31
N LEU A 125 14.61 4.00 -29.40
CA LEU A 125 15.87 3.39 -29.81
C LEU A 125 16.93 4.41 -30.21
N SER A 126 16.49 5.54 -30.76
CA SER A 126 17.45 6.55 -31.20
C SER A 126 17.87 7.48 -30.05
N ASP A 127 17.00 7.68 -29.05
CA ASP A 127 17.18 8.73 -28.02
C ASP A 127 17.46 8.27 -26.61
N ALA A 128 17.01 7.07 -26.27
CA ALA A 128 17.03 6.61 -24.89
C ALA A 128 18.46 6.28 -24.47
N ASP A 129 18.70 6.34 -23.17
CA ASP A 129 20.01 6.03 -22.60
C ASP A 129 20.25 4.54 -22.69
N MET A 130 21.33 4.15 -23.35
CA MET A 130 21.82 2.79 -23.34
C MET A 130 23.35 2.84 -23.20
N PRO A 131 23.83 3.08 -21.99
CA PRO A 131 25.26 3.36 -21.76
C PRO A 131 26.27 2.36 -22.37
N GLU A 132 25.98 1.07 -22.38
CA GLU A 132 26.99 0.11 -22.85
C GLU A 132 26.88 -0.13 -24.36
N VAL A 133 25.94 0.53 -25.01
CA VAL A 133 25.57 0.19 -26.37
C VAL A 133 26.19 1.19 -27.35
N SER A 134 27.07 0.66 -28.19
CA SER A 134 27.72 1.45 -29.22
C SER A 134 26.68 1.98 -30.21
N ASP A 135 27.01 3.09 -30.86
CA ASP A 135 26.19 3.63 -31.93
C ASP A 135 25.95 2.60 -33.02
N ARG A 136 26.98 1.81 -33.34
CA ARG A 136 26.85 0.77 -34.33
C ARG A 136 25.77 -0.22 -33.93
N ASP A 137 25.77 -0.60 -32.66
CA ASP A 137 24.80 -1.55 -32.17
C ASP A 137 23.40 -0.92 -32.02
N ARG A 138 23.35 0.38 -31.72
CA ARG A 138 22.06 1.09 -31.65
C ARG A 138 21.42 1.18 -33.02
N ILE A 139 22.24 1.44 -34.05
CA ILE A 139 21.77 1.48 -35.43
C ILE A 139 21.27 0.09 -35.84
N SER A 140 21.97 -0.95 -35.45
CA SER A 140 21.56 -2.32 -35.76
C SER A 140 20.23 -2.67 -35.10
N MET A 141 20.02 -2.16 -33.90
CA MET A 141 18.76 -2.35 -33.19
C MET A 141 17.61 -1.73 -33.93
N ILE A 142 17.81 -0.50 -34.38
CA ILE A 142 16.79 0.24 -35.14
C ILE A 142 16.51 -0.49 -36.46
N SER A 143 17.58 -0.87 -37.17
CA SER A 143 17.47 -1.57 -38.44
C SER A 143 16.72 -2.89 -38.28
N GLU A 144 17.04 -3.64 -37.22
CA GLU A 144 16.37 -4.91 -36.96
C GLU A 144 14.89 -4.70 -36.61
N LEU A 145 14.59 -3.74 -35.75
CA LEU A 145 13.19 -3.51 -35.39
C LEU A 145 12.39 -3.09 -36.62
N ALA A 146 12.99 -2.26 -37.46
CA ALA A 146 12.35 -1.80 -38.70
C ALA A 146 12.08 -2.97 -39.66
N SER A 147 13.09 -3.77 -39.96
CA SER A 147 12.90 -4.88 -40.91
C SER A 147 11.89 -5.90 -40.36
N ALA A 148 11.91 -6.12 -39.04
CA ALA A 148 11.04 -7.10 -38.40
C ALA A 148 9.60 -6.62 -38.30
N SER A 149 9.41 -5.31 -38.26
CA SER A 149 8.08 -4.71 -38.06
C SER A 149 7.36 -4.40 -39.36
N GLY A 150 8.13 -4.14 -40.40
CA GLY A 150 7.61 -3.69 -41.67
C GLY A 150 7.18 -4.82 -42.59
N ILE A 151 7.27 -4.55 -43.89
CA ILE A 151 6.71 -5.41 -44.92
C ILE A 151 7.48 -6.75 -45.03
N ALA A 152 8.74 -6.74 -44.61
CA ALA A 152 9.54 -7.95 -44.52
C ALA A 152 9.25 -8.76 -43.26
N GLY A 153 8.46 -8.23 -42.34
CA GLY A 153 8.11 -8.94 -41.11
C GLY A 153 6.64 -8.82 -40.77
N MET A 154 6.34 -8.21 -39.63
CA MET A 154 4.99 -8.16 -39.08
C MET A 154 3.89 -7.64 -40.04
N CYS A 155 4.13 -6.51 -40.71
CA CYS A 155 3.14 -5.92 -41.62
C CYS A 155 2.91 -6.82 -42.84
N GLY A 156 4.01 -7.32 -43.40
CA GLY A 156 3.95 -8.30 -44.47
C GLY A 156 3.13 -9.50 -44.09
N GLY A 157 3.32 -9.97 -42.86
CA GLY A 157 2.58 -11.10 -42.34
C GLY A 157 1.11 -10.77 -42.13
N GLN A 158 0.82 -9.56 -41.70
CA GLN A 158 -0.56 -9.10 -41.58
C GLN A 158 -1.26 -9.11 -42.94
N ALA A 159 -0.54 -8.71 -43.99
CA ALA A 159 -1.09 -8.74 -45.35
C ALA A 159 -1.33 -10.17 -45.80
N LEU A 160 -0.41 -11.09 -45.51
CA LEU A 160 -0.59 -12.50 -45.85
C LEU A 160 -1.78 -13.10 -45.09
N ASP A 161 -1.92 -12.71 -43.82
CA ASP A 161 -2.99 -13.18 -42.97
C ASP A 161 -4.34 -12.79 -43.56
N LEU A 162 -4.45 -11.52 -43.94
CA LEU A 162 -5.67 -10.97 -44.54
C LEU A 162 -6.00 -11.66 -45.87
N ASP A 163 -4.99 -11.92 -46.68
CA ASP A 163 -5.20 -12.56 -47.98
C ASP A 163 -5.70 -14.00 -47.83
N ALA A 164 -5.25 -14.67 -46.79
CA ALA A 164 -5.57 -16.08 -46.55
C ALA A 164 -6.94 -16.31 -45.89
N GLU A 165 -7.66 -15.25 -45.55
CA GLU A 165 -9.04 -15.36 -45.05
C GLU A 165 -9.89 -16.05 -46.11
N GLY A 166 -10.55 -17.14 -45.72
CA GLY A 166 -11.45 -17.88 -46.58
C GLY A 166 -10.77 -18.80 -47.56
N LYS A 167 -9.44 -18.84 -47.56
CA LYS A 167 -8.67 -19.58 -48.56
C LYS A 167 -8.07 -20.88 -48.03
N HIS A 168 -8.13 -21.08 -46.71
CA HIS A 168 -7.69 -22.34 -46.11
C HIS A 168 -6.36 -22.79 -46.69
N VAL A 169 -5.35 -21.94 -46.51
CA VAL A 169 -4.09 -22.14 -47.22
C VAL A 169 -3.32 -23.32 -46.66
N PRO A 170 -2.48 -23.95 -47.48
CA PRO A 170 -1.71 -25.12 -47.06
C PRO A 170 -0.68 -24.78 -45.99
N LEU A 171 -0.13 -25.80 -45.36
CA LEU A 171 0.80 -25.63 -44.24
C LEU A 171 1.96 -24.67 -44.54
N ASP A 172 2.65 -24.86 -45.66
CA ASP A 172 3.76 -23.99 -46.04
C ASP A 172 3.39 -22.50 -46.10
N ALA A 173 2.20 -22.19 -46.61
CA ALA A 173 1.71 -20.82 -46.68
C ALA A 173 1.30 -20.34 -45.30
N LEU A 174 0.73 -21.25 -44.52
CA LEU A 174 0.33 -20.94 -43.15
C LEU A 174 1.56 -20.51 -42.34
N GLU A 175 2.63 -21.29 -42.46
CA GLU A 175 3.87 -21.03 -41.74
C GLU A 175 4.48 -19.70 -42.16
N ARG A 176 4.38 -19.37 -43.44
CA ARG A 176 4.88 -18.09 -43.93
C ARG A 176 4.12 -16.94 -43.29
N ILE A 177 2.80 -17.07 -43.18
CA ILE A 177 1.99 -16.06 -42.50
C ILE A 177 2.51 -15.86 -41.08
N HIS A 178 2.52 -16.95 -40.33
CA HIS A 178 2.80 -16.90 -38.90
C HIS A 178 4.21 -16.43 -38.57
N ARG A 179 5.20 -16.92 -39.31
CA ARG A 179 6.57 -16.50 -39.11
C ARG A 179 6.72 -15.00 -39.34
N HIS A 180 6.03 -14.46 -40.34
CA HIS A 180 6.15 -13.02 -40.59
C HIS A 180 5.33 -12.19 -39.58
N LYS A 181 4.05 -12.52 -39.40
CA LYS A 181 3.18 -11.66 -38.59
C LYS A 181 3.55 -11.72 -37.12
N THR A 182 4.07 -12.84 -36.65
CA THR A 182 4.36 -13.02 -35.24
C THR A 182 5.80 -13.41 -34.94
N GLY A 183 6.37 -14.30 -35.76
CA GLY A 183 7.75 -14.74 -35.56
C GLY A 183 8.76 -13.62 -35.62
N ALA A 184 8.59 -12.71 -36.57
CA ALA A 184 9.62 -11.72 -36.88
C ALA A 184 9.86 -10.77 -35.71
N LEU A 185 8.80 -10.34 -35.05
CA LEU A 185 8.92 -9.40 -33.93
C LEU A 185 9.49 -10.09 -32.70
N ILE A 186 9.15 -11.36 -32.53
CA ILE A 186 9.70 -12.14 -31.43
C ILE A 186 11.20 -12.34 -31.60
N ARG A 187 11.63 -12.57 -32.84
CA ARG A 187 13.04 -12.67 -33.15
C ARG A 187 13.73 -11.32 -32.95
N ALA A 188 13.02 -10.22 -33.25
CA ALA A 188 13.56 -8.88 -32.97
C ALA A 188 13.79 -8.63 -31.49
N ALA A 189 12.89 -9.07 -30.63
CA ALA A 189 13.09 -8.95 -29.18
C ALA A 189 14.40 -9.61 -28.77
N VAL A 190 14.59 -10.84 -29.21
CA VAL A 190 15.79 -11.57 -28.87
C VAL A 190 17.03 -10.88 -29.43
N ARG A 191 16.97 -10.45 -30.69
CA ARG A 191 18.08 -9.78 -31.35
C ARG A 191 18.43 -8.46 -30.67
N LEU A 192 17.42 -7.73 -30.23
CA LEU A 192 17.66 -6.45 -29.58
C LEU A 192 18.33 -6.68 -28.22
N GLY A 193 17.90 -7.72 -27.51
CA GLY A 193 18.57 -8.10 -26.28
C GLY A 193 20.03 -8.42 -26.50
N ALA A 194 20.30 -9.22 -27.52
CA ALA A 194 21.67 -9.62 -27.88
C ALA A 194 22.53 -8.43 -28.35
N LEU A 195 21.98 -7.59 -29.22
CA LEU A 195 22.74 -6.46 -29.77
C LEU A 195 23.15 -5.51 -28.66
N SER A 196 22.36 -5.44 -27.60
CA SER A 196 22.68 -4.61 -26.45
C SER A 196 23.99 -5.00 -25.79
N ALA A 197 24.36 -6.27 -25.93
CA ALA A 197 25.58 -6.84 -25.37
C ALA A 197 26.80 -6.69 -26.29
N GLY A 198 26.61 -6.11 -27.47
CA GLY A 198 27.70 -5.91 -28.39
C GLY A 198 28.23 -7.20 -28.98
N ASP A 199 29.54 -7.32 -29.05
CA ASP A 199 30.18 -8.40 -29.82
C ASP A 199 29.81 -9.77 -29.27
N LYS A 200 29.79 -9.91 -27.95
CA LYS A 200 29.43 -11.18 -27.34
C LYS A 200 27.98 -11.59 -27.68
N GLY A 201 27.08 -10.62 -27.72
CA GLY A 201 25.72 -10.90 -28.15
C GLY A 201 25.66 -11.31 -29.61
N ARG A 202 26.40 -10.60 -30.44
CA ARG A 202 26.43 -10.86 -31.88
C ARG A 202 26.88 -12.28 -32.19
N ARG A 203 27.86 -12.78 -31.43
CA ARG A 203 28.38 -14.15 -31.62
C ARG A 203 27.35 -15.21 -31.29
N ALA A 204 26.42 -14.88 -30.39
CA ALA A 204 25.35 -15.80 -30.02
C ALA A 204 24.18 -15.78 -30.98
N LEU A 205 24.13 -14.79 -31.87
CA LEU A 205 22.97 -14.56 -32.74
C LEU A 205 22.59 -15.74 -33.61
N PRO A 206 23.53 -16.43 -34.25
CA PRO A 206 23.15 -17.60 -35.04
C PRO A 206 22.29 -18.55 -34.24
N VAL A 207 22.69 -18.82 -33.00
CA VAL A 207 21.93 -19.76 -32.18
C VAL A 207 20.67 -19.14 -31.58
N LEU A 208 20.73 -17.90 -31.12
CA LEU A 208 19.53 -17.23 -30.58
C LEU A 208 18.46 -17.08 -31.65
N ASP A 209 18.88 -16.88 -32.89
CA ASP A 209 17.95 -16.76 -34.00
C ASP A 209 17.14 -18.05 -34.15
N LYS A 210 17.82 -19.18 -34.06
CA LYS A 210 17.15 -20.45 -34.26
C LYS A 210 16.16 -20.69 -33.13
N TYR A 211 16.55 -20.31 -31.91
CA TYR A 211 15.65 -20.35 -30.76
C TYR A 211 14.45 -19.44 -30.99
N ALA A 212 14.71 -18.21 -31.40
CA ALA A 212 13.65 -17.21 -31.56
C ALA A 212 12.68 -17.61 -32.65
N GLU A 213 13.21 -18.14 -33.74
CA GLU A 213 12.42 -18.63 -34.86
C GLU A 213 11.45 -19.72 -34.42
N SER A 214 11.91 -20.63 -33.58
CA SER A 214 11.05 -21.70 -33.12
C SER A 214 10.00 -21.21 -32.11
N ILE A 215 10.38 -20.39 -31.13
CA ILE A 215 9.37 -19.91 -30.18
C ILE A 215 8.39 -18.92 -30.81
N GLY A 216 8.85 -18.21 -31.84
CA GLY A 216 8.02 -17.22 -32.50
C GLY A 216 6.90 -17.85 -33.30
N LEU A 217 7.22 -18.89 -34.04
CA LEU A 217 6.20 -19.66 -34.74
C LEU A 217 5.30 -20.34 -33.72
N ALA A 218 5.90 -20.97 -32.71
CA ALA A 218 5.13 -21.64 -31.65
C ALA A 218 4.17 -20.68 -30.97
N PHE A 219 4.56 -19.41 -30.84
CA PHE A 219 3.72 -18.42 -30.20
C PHE A 219 2.41 -18.23 -30.95
N GLN A 220 2.49 -18.15 -32.27
CA GLN A 220 1.28 -17.95 -33.07
C GLN A 220 0.45 -19.23 -33.16
N VAL A 221 1.07 -20.39 -33.24
CA VAL A 221 0.31 -21.64 -33.22
C VAL A 221 -0.49 -21.77 -31.92
N GLN A 222 0.13 -21.37 -30.80
CA GLN A 222 -0.58 -21.36 -29.52
C GLN A 222 -1.68 -20.33 -29.53
N ASP A 223 -1.43 -19.17 -30.15
CA ASP A 223 -2.46 -18.14 -30.24
C ASP A 223 -3.70 -18.66 -31.01
N ASP A 224 -3.47 -19.40 -32.10
CA ASP A 224 -4.56 -19.99 -32.87
C ASP A 224 -5.31 -21.05 -32.04
N ILE A 225 -4.55 -21.85 -31.29
CA ILE A 225 -5.13 -22.91 -30.48
C ILE A 225 -6.00 -22.30 -29.40
N LEU A 226 -5.51 -21.23 -28.77
CA LEU A 226 -6.24 -20.54 -27.72
C LEU A 226 -7.51 -19.91 -28.28
N ASP A 227 -7.48 -19.50 -29.53
CA ASP A 227 -8.64 -18.88 -30.13
C ASP A 227 -9.79 -19.88 -30.22
N VAL A 228 -9.46 -21.15 -30.48
CA VAL A 228 -10.47 -22.22 -30.54
C VAL A 228 -10.95 -22.64 -29.14
N VAL A 229 -10.02 -23.05 -28.27
CA VAL A 229 -10.37 -23.73 -27.01
C VAL A 229 -10.39 -22.86 -25.75
N GLY A 230 -9.90 -21.63 -25.84
CA GLY A 230 -9.80 -20.78 -24.67
C GLY A 230 -11.12 -20.10 -24.37
N ASP A 231 -11.32 -19.74 -23.11
CA ASP A 231 -12.53 -19.02 -22.67
C ASP A 231 -12.26 -17.52 -22.86
N THR A 232 -13.26 -16.76 -23.31
CA THR A 232 -13.12 -15.32 -23.50
C THR A 232 -12.65 -14.57 -22.24
N ALA A 233 -13.17 -14.94 -21.07
CA ALA A 233 -12.80 -14.26 -19.83
C ALA A 233 -11.34 -14.53 -19.43
N THR A 234 -10.79 -15.67 -19.85
CA THR A 234 -9.39 -16.00 -19.58
C THR A 234 -8.45 -15.39 -20.64
N LEU A 235 -8.81 -15.52 -21.92
CA LEU A 235 -8.04 -14.93 -23.03
C LEU A 235 -7.99 -13.41 -23.01
N GLY A 236 -9.09 -12.80 -22.58
CA GLY A 236 -9.24 -11.36 -22.65
C GLY A 236 -9.69 -10.89 -24.02
N LYS A 237 -9.83 -11.83 -24.95
CA LYS A 237 -10.32 -11.57 -26.30
C LYS A 237 -11.25 -12.72 -26.70
N ARG A 238 -12.10 -12.46 -27.69
CA ARG A 238 -13.19 -13.39 -28.02
C ARG A 238 -12.76 -14.71 -28.65
N GLN A 239 -13.12 -15.80 -27.96
CA GLN A 239 -13.00 -17.15 -28.46
C GLN A 239 -13.78 -17.28 -29.77
N GLY A 240 -13.23 -18.03 -30.72
CA GLY A 240 -13.90 -18.27 -31.98
C GLY A 240 -13.85 -17.08 -32.93
N ALA A 241 -13.00 -16.09 -32.64
CA ALA A 241 -12.85 -14.96 -33.55
C ALA A 241 -12.33 -15.39 -34.93
N ASP A 242 -11.41 -16.34 -34.96
CA ASP A 242 -10.78 -16.75 -36.22
C ASP A 242 -11.77 -17.49 -37.12
N GLN A 243 -12.54 -18.36 -36.50
CA GLN A 243 -13.51 -19.18 -37.18
C GLN A 243 -14.59 -18.29 -37.81
N GLN A 244 -14.96 -17.25 -37.09
CA GLN A 244 -15.95 -16.29 -37.56
C GLN A 244 -15.49 -15.54 -38.83
N LEU A 245 -14.19 -15.27 -38.95
CA LEU A 245 -13.63 -14.62 -40.15
C LEU A 245 -13.01 -15.58 -41.16
N GLY A 246 -13.04 -16.89 -40.87
CA GLY A 246 -12.44 -17.88 -41.76
C GLY A 246 -10.93 -17.73 -41.94
N LYS A 247 -10.24 -17.31 -40.89
CA LYS A 247 -8.78 -17.24 -40.91
C LYS A 247 -8.16 -18.61 -41.16
N SER A 248 -7.14 -18.65 -42.00
CA SER A 248 -6.26 -19.81 -42.09
C SER A 248 -5.45 -19.91 -40.79
N THR A 249 -5.66 -21.00 -40.04
CA THR A 249 -4.95 -21.23 -38.79
C THR A 249 -4.39 -22.64 -38.72
N TYR A 250 -3.52 -22.88 -37.74
CA TYR A 250 -3.01 -24.21 -37.48
C TYR A 250 -4.12 -25.20 -37.09
N PRO A 251 -4.93 -24.89 -36.08
CA PRO A 251 -6.04 -25.80 -35.71
C PRO A 251 -7.09 -25.99 -36.79
N ALA A 252 -7.37 -24.96 -37.59
CA ALA A 252 -8.36 -25.09 -38.67
C ALA A 252 -7.85 -26.07 -39.72
N LEU A 253 -6.57 -25.95 -40.09
CA LEU A 253 -5.97 -26.85 -41.06
C LEU A 253 -5.74 -28.26 -40.52
N LEU A 254 -5.02 -28.34 -39.40
CA LEU A 254 -4.47 -29.59 -38.89
C LEU A 254 -5.31 -30.27 -37.82
N GLY A 255 -6.28 -29.56 -37.27
CA GLY A 255 -6.97 -30.02 -36.08
C GLY A 255 -6.18 -29.67 -34.84
N LEU A 256 -6.83 -29.70 -33.68
CA LEU A 256 -6.24 -29.27 -32.43
C LEU A 256 -5.04 -30.11 -32.01
N GLU A 257 -5.10 -31.44 -32.21
CA GLU A 257 -4.03 -32.35 -31.76
C GLU A 257 -2.70 -32.15 -32.50
N GLN A 258 -2.77 -32.03 -33.82
CA GLN A 258 -1.56 -31.88 -34.63
C GLN A 258 -0.98 -30.48 -34.46
N ALA A 259 -1.82 -29.50 -34.21
CA ALA A 259 -1.37 -28.14 -33.95
C ALA A 259 -0.58 -28.13 -32.64
N ARG A 260 -1.13 -28.78 -31.61
CA ARG A 260 -0.50 -28.86 -30.31
C ARG A 260 0.86 -29.52 -30.41
N LYS A 261 0.93 -30.58 -31.22
CA LYS A 261 2.15 -31.30 -31.47
C LYS A 261 3.18 -30.43 -32.18
N LYS A 262 2.72 -29.66 -33.16
CA LYS A 262 3.64 -28.76 -33.88
C LYS A 262 4.23 -27.76 -32.88
N ALA A 263 3.40 -27.24 -31.97
CA ALA A 263 3.86 -26.24 -30.99
C ALA A 263 4.90 -26.86 -30.06
N ARG A 264 4.61 -28.07 -29.61
CA ARG A 264 5.48 -28.81 -28.69
C ARG A 264 6.82 -29.16 -29.33
N ASP A 265 6.80 -29.58 -30.60
CA ASP A 265 8.03 -29.87 -31.35
C ASP A 265 8.87 -28.61 -31.60
N LEU A 266 8.20 -27.48 -31.80
CA LEU A 266 8.90 -26.21 -31.96
C LEU A 266 9.61 -25.81 -30.67
N ILE A 267 8.95 -26.01 -29.52
CA ILE A 267 9.55 -25.68 -28.22
C ILE A 267 10.69 -26.63 -27.89
N ASP A 268 10.53 -27.91 -28.17
CA ASP A 268 11.63 -28.86 -27.96
C ASP A 268 12.83 -28.45 -28.82
N ASP A 269 12.56 -27.94 -30.03
CA ASP A 269 13.63 -27.48 -30.92
C ASP A 269 14.28 -26.21 -30.35
N ALA A 270 13.47 -25.35 -29.76
CA ALA A 270 13.96 -24.14 -29.12
C ALA A 270 14.84 -24.49 -27.94
N ARG A 271 14.44 -25.50 -27.16
CA ARG A 271 15.24 -25.95 -26.02
C ARG A 271 16.59 -26.49 -26.49
N GLN A 272 16.58 -27.20 -27.61
CA GLN A 272 17.82 -27.79 -28.14
C GLN A 272 18.79 -26.69 -28.49
N SER A 273 18.32 -25.65 -29.17
CA SER A 273 19.15 -24.49 -29.50
C SER A 273 19.78 -23.86 -28.25
N LEU A 274 18.99 -23.70 -27.20
CA LEU A 274 19.49 -23.12 -25.95
C LEU A 274 20.59 -23.98 -25.30
N LYS A 275 20.56 -25.30 -25.50
CA LYS A 275 21.61 -26.19 -24.97
C LYS A 275 23.00 -25.79 -25.49
N GLN A 276 23.06 -25.36 -26.75
CA GLN A 276 24.30 -24.88 -27.37
C GLN A 276 24.85 -23.64 -26.66
N LEU A 277 23.97 -22.78 -26.16
CA LEU A 277 24.37 -21.60 -25.40
C LEU A 277 24.77 -21.92 -23.97
N ALA A 278 24.05 -22.85 -23.36
CA ALA A 278 24.35 -23.29 -21.99
C ALA A 278 25.72 -23.97 -21.92
N GLU A 279 26.15 -24.54 -23.05
CA GLU A 279 27.49 -25.12 -23.23
C GLU A 279 28.61 -24.08 -23.11
N GLN A 280 28.30 -22.84 -23.42
CA GLN A 280 29.23 -21.74 -23.35
C GLN A 280 29.07 -20.94 -22.05
N SER A 281 28.47 -21.59 -21.04
CA SER A 281 28.25 -21.02 -19.72
C SER A 281 27.39 -19.75 -19.68
N LEU A 282 26.44 -19.66 -20.61
CA LEU A 282 25.38 -18.66 -20.54
C LEU A 282 24.17 -19.27 -19.84
N ASP A 283 23.55 -18.51 -18.95
CA ASP A 283 22.38 -18.96 -18.21
C ASP A 283 21.14 -18.86 -19.10
N THR A 284 20.66 -20.00 -19.60
CA THR A 284 19.50 -20.02 -20.48
C THR A 284 18.19 -20.30 -19.77
N SER A 285 18.20 -20.27 -18.44
CA SER A 285 17.05 -20.72 -17.65
C SER A 285 15.78 -19.89 -17.85
N ALA A 286 15.90 -18.57 -17.96
CA ALA A 286 14.72 -17.73 -18.23
C ALA A 286 14.17 -17.99 -19.64
N LEU A 287 15.05 -18.19 -20.62
CA LEU A 287 14.62 -18.43 -22.00
C LEU A 287 13.98 -19.80 -22.19
N GLU A 288 14.39 -20.79 -21.41
CA GLU A 288 13.77 -22.11 -21.51
C GLU A 288 12.42 -22.11 -20.81
N ALA A 289 12.31 -21.41 -19.69
CA ALA A 289 11.03 -21.30 -18.98
C ALA A 289 10.02 -20.52 -19.82
N LEU A 290 10.50 -19.49 -20.52
CA LEU A 290 9.64 -18.69 -21.40
C LEU A 290 9.16 -19.57 -22.55
N ALA A 291 10.08 -20.35 -23.11
CA ALA A 291 9.77 -21.23 -24.23
C ALA A 291 8.64 -22.20 -23.86
N ASP A 292 8.72 -22.80 -22.68
CA ASP A 292 7.66 -23.71 -22.22
C ASP A 292 6.34 -23.00 -21.97
N TYR A 293 6.42 -21.80 -21.40
CA TYR A 293 5.23 -21.03 -21.08
C TYR A 293 4.49 -20.64 -22.35
N ILE A 294 5.22 -20.37 -23.42
CA ILE A 294 4.62 -19.99 -24.71
C ILE A 294 3.57 -21.02 -25.19
N ILE A 295 3.74 -22.28 -24.82
CA ILE A 295 2.75 -23.31 -25.20
C ILE A 295 1.94 -23.92 -24.05
N GLN A 296 2.30 -23.58 -22.81
CA GLN A 296 1.57 -24.05 -21.65
C GLN A 296 0.55 -23.02 -21.17
N ARG A 297 0.73 -21.78 -21.59
CA ARG A 297 -0.12 -20.68 -21.16
C ARG A 297 -1.53 -20.85 -21.69
N ASN A 298 -2.48 -20.27 -20.98
CA ASN A 298 -3.89 -20.33 -21.37
C ASN A 298 -4.42 -18.97 -21.72
N LYS A 299 -3.49 -18.02 -21.89
CA LYS A 299 -3.82 -16.66 -22.31
C LYS A 299 -2.62 -15.98 -22.97
N ASP B 2 0.31 0.54 49.33
CA ASP B 2 -1.18 0.56 49.32
C ASP B 2 -1.70 1.29 48.06
N PHE B 3 -2.30 0.55 47.14
CA PHE B 3 -2.63 1.14 45.85
C PHE B 3 -3.76 2.16 45.87
N PRO B 4 -4.87 1.89 46.58
CA PRO B 4 -5.96 2.86 46.69
C PRO B 4 -5.57 4.21 47.31
N GLN B 5 -4.63 4.23 48.25
CA GLN B 5 -4.14 5.49 48.80
C GLN B 5 -3.16 6.19 47.84
N GLN B 6 -2.45 5.43 47.01
CA GLN B 6 -1.63 6.02 45.95
C GLN B 6 -2.53 6.75 44.95
N LEU B 7 -3.61 6.09 44.52
CA LEU B 7 -4.55 6.70 43.59
C LEU B 7 -5.10 7.99 44.14
N GLU B 8 -5.50 7.95 45.41
CA GLU B 8 -6.17 9.08 46.03
C GLU B 8 -5.19 10.23 46.26
N ALA B 9 -3.97 9.92 46.66
CA ALA B 9 -2.89 10.90 46.78
C ALA B 9 -2.59 11.54 45.43
N CYS B 10 -2.64 10.73 44.36
CA CYS B 10 -2.39 11.23 43.01
C CYS B 10 -3.50 12.20 42.58
N VAL B 11 -4.75 11.83 42.80
CA VAL B 11 -5.86 12.71 42.51
C VAL B 11 -5.65 14.06 43.21
N LYS B 12 -5.18 14.03 44.46
CA LYS B 12 -5.03 15.29 45.21
C LYS B 12 -3.88 16.11 44.66
N GLN B 13 -2.77 15.45 44.38
CA GLN B 13 -1.61 16.12 43.80
C GLN B 13 -2.01 16.75 42.47
N ALA B 14 -2.71 15.99 41.62
CA ALA B 14 -3.05 16.45 40.26
C ALA B 14 -4.09 17.59 40.30
N ASN B 15 -5.05 17.48 41.19
CA ASN B 15 -6.05 18.54 41.35
C ASN B 15 -5.43 19.86 41.80
N GLN B 16 -4.47 19.78 42.71
CA GLN B 16 -3.79 20.96 43.20
C GLN B 16 -2.97 21.57 42.06
N ALA B 17 -2.34 20.72 41.25
CA ALA B 17 -1.53 21.20 40.15
C ALA B 17 -2.40 21.90 39.11
N LEU B 18 -3.48 21.24 38.70
CA LEU B 18 -4.44 21.81 37.77
C LEU B 18 -4.98 23.16 38.28
N SER B 19 -5.40 23.18 39.54
CA SER B 19 -5.95 24.40 40.14
C SER B 19 -4.96 25.56 40.13
N ARG B 20 -3.68 25.25 40.37
CA ARG B 20 -2.60 26.24 40.37
C ARG B 20 -2.39 26.87 39.00
N PHE B 21 -2.59 26.08 37.94
CA PHE B 21 -2.41 26.54 36.58
C PHE B 21 -3.63 27.26 36.06
N ILE B 22 -4.78 27.01 36.67
CA ILE B 22 -6.03 27.63 36.27
C ILE B 22 -6.21 28.97 37.01
N ALA B 23 -5.51 29.13 38.13
CA ALA B 23 -5.72 30.26 39.04
C ALA B 23 -5.40 31.61 38.41
N PRO B 24 -4.27 31.73 37.71
CA PRO B 24 -3.92 33.00 37.08
C PRO B 24 -4.75 33.35 35.84
N LEU B 25 -5.60 32.44 35.36
CA LEU B 25 -6.40 32.69 34.17
C LEU B 25 -7.41 33.81 34.43
N PRO B 26 -7.64 34.67 33.44
CA PRO B 26 -8.64 35.71 33.57
C PRO B 26 -10.04 35.12 33.44
N PHE B 27 -11.05 35.96 33.68
CA PHE B 27 -12.45 35.57 33.53
C PHE B 27 -12.87 34.46 34.49
N GLN B 28 -12.26 34.44 35.67
CA GLN B 28 -12.71 33.57 36.76
C GLN B 28 -14.17 33.87 37.07
N ASN B 29 -14.90 32.85 37.49
CA ASN B 29 -16.32 32.97 37.83
C ASN B 29 -17.16 33.51 36.68
N THR B 30 -16.77 33.17 35.44
CA THR B 30 -17.64 33.34 34.29
C THR B 30 -17.94 31.96 33.75
N PRO B 31 -19.00 31.80 32.95
CA PRO B 31 -19.43 30.47 32.48
C PRO B 31 -18.35 29.62 31.79
N VAL B 32 -17.52 30.21 30.92
CA VAL B 32 -16.55 29.43 30.17
C VAL B 32 -15.45 28.88 31.08
N VAL B 33 -14.95 29.70 32.00
CA VAL B 33 -13.93 29.25 32.95
C VAL B 33 -14.51 28.28 33.97
N GLU B 34 -15.77 28.48 34.34
CA GLU B 34 -16.44 27.55 35.24
C GLU B 34 -16.63 26.21 34.56
N THR B 35 -16.84 26.22 33.25
CA THR B 35 -16.95 24.99 32.47
C THR B 35 -15.61 24.27 32.45
N MET B 36 -14.53 25.03 32.23
CA MET B 36 -13.19 24.46 32.23
C MET B 36 -12.88 23.81 33.58
N GLN B 37 -13.28 24.45 34.66
CA GLN B 37 -12.96 23.95 36.01
C GLN B 37 -13.78 22.70 36.29
N TYR B 38 -15.03 22.76 35.91
CA TYR B 38 -15.96 21.66 36.10
C TYR B 38 -15.47 20.43 35.31
N GLY B 39 -15.07 20.66 34.06
CA GLY B 39 -14.65 19.59 33.18
C GLY B 39 -13.32 18.99 33.56
N ALA B 40 -12.43 19.81 34.13
CA ALA B 40 -11.09 19.37 34.44
C ALA B 40 -10.96 18.78 35.84
N LEU B 41 -11.73 19.32 36.79
CA LEU B 41 -11.42 19.13 38.22
C LEU B 41 -12.44 18.29 39.01
N LEU B 42 -13.67 18.22 38.53
CA LEU B 42 -14.75 17.60 39.28
C LEU B 42 -14.86 16.11 38.91
N GLY B 43 -14.17 15.27 39.66
CA GLY B 43 -14.20 13.84 39.44
C GLY B 43 -13.16 13.40 38.45
N GLY B 44 -13.04 12.09 38.31
CA GLY B 44 -12.09 11.48 37.39
C GLY B 44 -11.01 10.83 38.22
N LYS B 45 -10.34 9.82 37.66
CA LYS B 45 -9.40 9.00 38.42
C LYS B 45 -7.98 9.51 38.34
N ARG B 46 -7.76 10.47 37.43
CA ARG B 46 -6.43 11.03 37.16
C ARG B 46 -5.39 9.96 36.90
N LEU B 47 -5.74 8.95 36.13
CA LEU B 47 -4.78 7.90 35.83
C LEU B 47 -3.65 8.38 34.92
N ARG B 48 -3.90 9.41 34.14
CA ARG B 48 -2.87 9.92 33.24
C ARG B 48 -1.83 10.72 34.03
N PRO B 49 -2.22 11.65 34.91
CA PRO B 49 -1.28 12.16 35.91
C PRO B 49 -0.56 11.05 36.67
N PHE B 50 -1.28 10.01 37.10
CA PHE B 50 -0.64 8.88 37.77
C PHE B 50 0.55 8.34 36.95
N LEU B 51 0.33 8.13 35.66
CA LEU B 51 1.37 7.66 34.76
C LEU B 51 2.53 8.63 34.64
N VAL B 52 2.24 9.92 34.57
CA VAL B 52 3.30 10.91 34.49
C VAL B 52 4.15 10.85 35.77
N TYR B 53 3.48 10.92 36.91
CA TYR B 53 4.15 10.87 38.22
C TYR B 53 4.91 9.57 38.42
N ALA B 54 4.31 8.44 38.09
CA ALA B 54 4.91 7.15 38.41
C ALA B 54 6.15 6.95 37.56
N THR B 55 6.08 7.42 36.32
CA THR B 55 7.18 7.28 35.40
C THR B 55 8.38 8.16 35.79
N GLY B 56 8.13 9.45 35.98
CA GLY B 56 9.16 10.39 36.35
C GLY B 56 9.83 10.00 37.67
N HIS B 57 9.01 9.55 38.62
CA HIS B 57 9.46 9.12 39.94
C HIS B 57 10.47 7.98 39.86
N MET B 58 10.33 7.09 38.88
CA MET B 58 11.31 6.00 38.65
C MET B 58 12.73 6.52 38.46
N PHE B 59 12.86 7.70 37.86
CA PHE B 59 14.16 8.30 37.60
C PHE B 59 14.54 9.39 38.58
N GLY B 60 13.74 9.54 39.63
CA GLY B 60 14.05 10.43 40.73
C GLY B 60 13.62 11.86 40.50
N VAL B 61 12.75 12.07 39.52
CA VAL B 61 12.34 13.43 39.21
C VAL B 61 11.32 13.88 40.25
N SER B 62 11.48 15.13 40.67
CA SER B 62 10.66 15.72 41.72
C SER B 62 9.22 15.75 41.28
N THR B 63 8.33 15.42 42.23
CA THR B 63 6.90 15.49 42.03
C THR B 63 6.47 16.88 41.59
N ASN B 64 7.08 17.90 42.18
CA ASN B 64 6.77 19.28 41.83
C ASN B 64 7.10 19.59 40.37
N THR B 65 8.22 19.06 39.87
CA THR B 65 8.53 19.16 38.45
C THR B 65 7.47 18.48 37.57
N LEU B 66 7.02 17.31 38.04
CA LEU B 66 6.08 16.46 37.31
C LEU B 66 4.65 17.00 37.27
N ASP B 67 4.33 17.92 38.16
CA ASP B 67 3.03 18.58 38.17
C ASP B 67 2.69 19.21 36.80
N ALA B 68 3.69 19.81 36.15
CA ALA B 68 3.46 20.44 34.84
C ALA B 68 3.01 19.44 33.79
N PRO B 69 3.81 18.45 33.43
CA PRO B 69 3.32 17.46 32.46
C PRO B 69 2.07 16.71 32.95
N ALA B 70 1.94 16.48 34.25
CA ALA B 70 0.75 15.81 34.79
C ALA B 70 -0.51 16.61 34.52
N ALA B 71 -0.44 17.90 34.75
CA ALA B 71 -1.56 18.79 34.53
C ALA B 71 -1.83 18.94 33.03
N ALA B 72 -0.77 19.04 32.23
CA ALA B 72 -0.95 19.24 30.80
C ALA B 72 -1.64 18.03 30.16
N VAL B 73 -1.23 16.81 30.53
CA VAL B 73 -1.88 15.61 29.93
C VAL B 73 -3.33 15.52 30.37
N GLU B 74 -3.62 15.92 31.59
CA GLU B 74 -4.97 15.92 32.10
C GLU B 74 -5.84 16.99 31.45
N CYS B 75 -5.27 18.13 31.07
CA CYS B 75 -6.02 19.16 30.34
C CYS B 75 -6.44 18.64 28.97
N ILE B 76 -5.54 17.91 28.30
CA ILE B 76 -5.87 17.33 27.00
C ILE B 76 -6.95 16.30 27.22
N HIS B 77 -6.76 15.45 28.22
CA HIS B 77 -7.76 14.45 28.55
C HIS B 77 -9.12 15.08 28.79
N ALA B 78 -9.16 16.06 29.69
CA ALA B 78 -10.40 16.74 30.05
C ALA B 78 -11.11 17.37 28.83
N TYR B 79 -10.34 18.06 27.98
CA TYR B 79 -10.91 18.68 26.78
C TYR B 79 -11.48 17.61 25.84
N SER B 80 -10.78 16.49 25.73
CA SER B 80 -11.20 15.44 24.83
C SER B 80 -12.57 14.90 25.25
N LEU B 81 -12.78 14.79 26.55
CA LEU B 81 -14.05 14.30 27.07
C LEU B 81 -15.21 15.28 26.84
N ILE B 82 -14.94 16.57 27.04
CA ILE B 82 -15.97 17.61 26.87
C ILE B 82 -16.50 17.58 25.44
N HIS B 83 -15.58 17.46 24.48
CA HIS B 83 -15.95 17.43 23.07
C HIS B 83 -16.55 16.08 22.67
N ASP B 84 -16.07 15.01 23.28
CA ASP B 84 -16.59 13.66 23.06
C ASP B 84 -18.09 13.52 23.44
N ASP B 85 -18.50 14.20 24.49
CA ASP B 85 -19.88 14.15 24.97
C ASP B 85 -20.90 15.00 24.16
N LEU B 86 -20.41 15.86 23.28
CA LEU B 86 -21.25 16.80 22.53
C LEU B 86 -22.31 16.05 21.72
N PRO B 87 -23.50 16.62 21.56
CA PRO B 87 -24.56 16.02 20.72
C PRO B 87 -24.13 15.52 19.35
N ALA B 88 -23.26 16.24 18.65
CA ALA B 88 -22.79 15.80 17.33
C ALA B 88 -21.82 14.64 17.43
N MET B 89 -21.21 14.47 18.59
CA MET B 89 -20.27 13.38 18.85
C MET B 89 -21.01 12.21 19.51
N ASP B 90 -20.81 11.94 20.81
CA ASP B 90 -21.44 10.77 21.46
C ASP B 90 -22.75 11.12 22.16
N ASP B 91 -23.08 12.39 22.21
CA ASP B 91 -24.36 12.83 22.75
C ASP B 91 -24.65 12.22 24.11
N ASP B 92 -23.77 12.47 25.08
CA ASP B 92 -23.93 11.96 26.44
C ASP B 92 -24.28 13.06 27.41
N ASP B 93 -25.18 12.75 28.35
CA ASP B 93 -25.62 13.72 29.34
C ASP B 93 -25.02 13.49 30.74
N LEU B 94 -24.28 12.40 30.93
CA LEU B 94 -23.64 12.08 32.21
C LEU B 94 -22.16 11.76 32.05
N ARG B 95 -21.34 12.34 32.91
CA ARG B 95 -19.95 11.94 33.05
C ARG B 95 -19.49 12.23 34.46
N ARG B 96 -18.74 11.28 35.01
CA ARG B 96 -18.19 11.40 36.36
C ARG B 96 -19.29 11.67 37.40
N GLY B 97 -20.48 11.13 37.12
CA GLY B 97 -21.61 11.21 38.03
C GLY B 97 -22.39 12.50 37.90
N LEU B 98 -21.99 13.38 36.98
CA LEU B 98 -22.60 14.71 36.86
C LEU B 98 -23.10 14.96 35.44
N PRO B 99 -23.97 15.96 35.28
CA PRO B 99 -24.32 16.41 33.94
C PRO B 99 -23.05 16.81 33.17
N THR B 100 -22.95 16.38 31.92
CA THR B 100 -21.81 16.75 31.08
C THR B 100 -21.75 18.26 30.90
N CYS B 101 -20.58 18.74 30.54
CA CYS B 101 -20.35 20.16 30.40
C CYS B 101 -21.36 20.81 29.49
N HIS B 102 -21.73 20.14 28.40
CA HIS B 102 -22.64 20.76 27.44
C HIS B 102 -24.08 20.79 27.94
N VAL B 103 -24.44 19.83 28.80
CA VAL B 103 -25.74 19.86 29.46
C VAL B 103 -25.78 20.96 30.52
N LYS B 104 -24.78 21.01 31.39
CA LYS B 104 -24.71 22.01 32.46
C LYS B 104 -24.53 23.47 31.96
N PHE B 105 -23.65 23.69 30.99
CA PHE B 105 -23.27 25.05 30.61
C PHE B 105 -23.68 25.42 29.18
N GLY B 106 -24.22 24.48 28.42
CA GLY B 106 -24.56 24.72 27.01
C GLY B 106 -23.45 24.26 26.06
N GLU B 107 -23.81 24.01 24.80
CA GLU B 107 -22.87 23.50 23.81
C GLU B 107 -21.70 24.46 23.54
N ALA B 108 -22.01 25.76 23.46
CA ALA B 108 -21.03 26.79 23.13
C ALA B 108 -19.96 26.87 24.21
N ASN B 109 -20.41 26.87 25.47
CA ASN B 109 -19.50 26.85 26.60
C ASN B 109 -18.64 25.59 26.59
N ALA B 110 -19.22 24.45 26.22
CA ALA B 110 -18.49 23.19 26.20
C ALA B 110 -17.46 23.19 25.09
N ILE B 111 -17.85 23.67 23.92
CA ILE B 111 -16.93 23.74 22.80
C ILE B 111 -15.72 24.60 23.17
N LEU B 112 -16.02 25.79 23.68
CA LEU B 112 -14.99 26.78 24.02
C LEU B 112 -14.13 26.30 25.16
N ALA B 113 -14.76 25.65 26.15
CA ALA B 113 -14.03 25.17 27.31
C ALA B 113 -13.03 24.07 26.91
N GLY B 114 -13.45 23.18 26.03
CA GLY B 114 -12.56 22.17 25.49
C GLY B 114 -11.43 22.83 24.70
N ASP B 115 -11.78 23.81 23.87
CA ASP B 115 -10.78 24.52 23.04
C ASP B 115 -9.72 25.14 23.94
N ALA B 116 -10.17 25.78 25.00
CA ALA B 116 -9.30 26.49 25.92
C ALA B 116 -8.49 25.56 26.81
N LEU B 117 -9.01 24.38 27.11
CA LEU B 117 -8.28 23.40 27.91
C LEU B 117 -7.16 22.78 27.08
N GLN B 118 -7.40 22.58 25.78
CA GLN B 118 -6.32 22.11 24.94
C GLN B 118 -5.18 23.15 24.94
N THR B 119 -5.53 24.42 24.82
CA THR B 119 -4.56 25.48 24.74
C THR B 119 -3.80 25.58 26.06
N LEU B 120 -4.52 25.44 27.18
CA LEU B 120 -3.93 25.52 28.51
C LEU B 120 -2.83 24.46 28.69
N ALA B 121 -3.03 23.29 28.11
CA ALA B 121 -2.04 22.23 28.21
C ALA B 121 -0.69 22.70 27.68
N PHE B 122 -0.71 23.45 26.58
CA PHE B 122 0.50 23.93 25.95
C PHE B 122 1.03 25.17 26.68
N SER B 123 0.14 25.97 27.29
CA SER B 123 0.59 27.07 28.16
C SER B 123 1.38 26.49 29.34
N ILE B 124 0.84 25.45 29.97
CA ILE B 124 1.50 24.79 31.09
C ILE B 124 2.89 24.27 30.67
N LEU B 125 2.96 23.47 29.61
CA LEU B 125 4.23 22.88 29.22
C LEU B 125 5.25 23.91 28.78
N SER B 126 4.78 25.04 28.23
CA SER B 126 5.70 26.08 27.79
C SER B 126 6.11 27.05 28.91
N ASP B 127 5.26 27.21 29.94
CA ASP B 127 5.45 28.26 30.97
C ASP B 127 5.76 27.74 32.37
N ALA B 128 5.33 26.52 32.69
CA ALA B 128 5.39 26.03 34.07
C ALA B 128 6.83 25.87 34.52
N ASP B 129 7.08 26.11 35.79
CA ASP B 129 8.38 25.80 36.37
C ASP B 129 8.63 24.29 36.30
N MET B 130 9.73 23.92 35.65
CA MET B 130 10.20 22.55 35.63
C MET B 130 11.71 22.59 35.84
N PRO B 131 12.11 22.79 37.10
CA PRO B 131 13.52 22.94 37.43
C PRO B 131 14.47 21.99 36.73
N GLU B 132 14.14 20.71 36.68
CA GLU B 132 15.12 19.72 36.21
C GLU B 132 15.32 19.69 34.68
N VAL B 133 14.56 20.51 33.95
CA VAL B 133 14.26 20.21 32.55
C VAL B 133 14.80 21.26 31.57
N SER B 134 15.68 20.83 30.67
CA SER B 134 16.24 21.71 29.66
C SER B 134 15.17 22.16 28.68
N ASP B 135 15.45 23.27 28.00
CA ASP B 135 14.58 23.84 26.99
C ASP B 135 14.31 22.82 25.90
N ARG B 136 15.37 22.12 25.48
CA ARG B 136 15.26 21.03 24.53
C ARG B 136 14.29 19.93 24.97
N ASP B 137 14.37 19.50 26.23
CA ASP B 137 13.47 18.45 26.70
C ASP B 137 12.05 18.97 26.87
N ARG B 138 11.90 20.23 27.23
CA ARG B 138 10.60 20.87 27.31
C ARG B 138 9.94 20.88 25.93
N ILE B 139 10.72 21.22 24.90
CA ILE B 139 10.22 21.23 23.54
C ILE B 139 9.83 19.82 23.14
N SER B 140 10.64 18.84 23.51
CA SER B 140 10.31 17.43 23.29
C SER B 140 8.99 17.00 23.93
N MET B 141 8.68 17.52 25.10
CA MET B 141 7.42 17.26 25.79
C MET B 141 6.26 17.88 25.06
N ILE B 142 6.44 19.11 24.61
CA ILE B 142 5.41 19.79 23.85
C ILE B 142 5.16 19.06 22.54
N SER B 143 6.23 18.66 21.87
CA SER B 143 6.08 17.93 20.62
C SER B 143 5.31 16.63 20.83
N GLU B 144 5.66 15.88 21.86
CA GLU B 144 5.02 14.61 22.14
C GLU B 144 3.53 14.81 22.42
N LEU B 145 3.19 15.79 23.24
CA LEU B 145 1.80 16.02 23.62
C LEU B 145 1.00 16.43 22.40
N ALA B 146 1.55 17.32 21.61
CA ALA B 146 0.90 17.75 20.38
C ALA B 146 0.69 16.58 19.41
N SER B 147 1.72 15.79 19.13
CA SER B 147 1.54 14.69 18.20
C SER B 147 0.58 13.62 18.76
N ALA B 148 0.64 13.37 20.06
CA ALA B 148 -0.27 12.43 20.71
C ALA B 148 -1.73 12.84 20.69
N SER B 149 -1.97 14.13 20.70
CA SER B 149 -3.31 14.69 20.90
C SER B 149 -4.02 15.01 19.60
N GLY B 150 -3.25 15.19 18.53
CA GLY B 150 -3.80 15.67 17.28
C GLY B 150 -4.21 14.54 16.37
N ILE B 151 -4.11 14.80 15.08
CA ILE B 151 -4.61 13.88 14.07
C ILE B 151 -3.82 12.57 14.03
N ALA B 152 -2.54 12.61 14.40
CA ALA B 152 -1.72 11.41 14.48
C ALA B 152 -1.97 10.63 15.78
N GLY B 153 -2.92 11.10 16.59
CA GLY B 153 -3.18 10.50 17.88
C GLY B 153 -4.65 10.65 18.23
N MET B 154 -4.92 11.29 19.36
CA MET B 154 -6.24 11.29 19.97
C MET B 154 -7.33 11.75 19.01
N CYS B 155 -7.10 12.89 18.38
CA CYS B 155 -8.10 13.48 17.51
C CYS B 155 -8.34 12.65 16.27
N GLY B 156 -7.28 12.09 15.69
CA GLY B 156 -7.42 11.20 14.55
C GLY B 156 -8.18 9.95 14.93
N GLY B 157 -7.95 9.49 16.15
CA GLY B 157 -8.68 8.38 16.71
C GLY B 157 -10.15 8.69 16.90
N GLN B 158 -10.45 9.90 17.35
CA GLN B 158 -11.83 10.32 17.50
C GLN B 158 -12.55 10.29 16.16
N ALA B 159 -11.82 10.67 15.10
CA ALA B 159 -12.37 10.67 13.74
C ALA B 159 -12.61 9.24 13.27
N LEU B 160 -11.69 8.33 13.55
CA LEU B 160 -11.85 6.92 13.16
C LEU B 160 -13.06 6.31 13.86
N ASP B 161 -13.21 6.67 15.14
CA ASP B 161 -14.31 6.20 15.97
C ASP B 161 -15.65 6.64 15.39
N LEU B 162 -15.75 7.92 15.04
CA LEU B 162 -16.98 8.43 14.43
C LEU B 162 -17.27 7.75 13.10
N ASP B 163 -16.23 7.54 12.30
CA ASP B 163 -16.38 6.90 11.01
C ASP B 163 -16.80 5.43 11.12
N ALA B 164 -16.38 4.76 12.20
CA ALA B 164 -16.70 3.34 12.41
C ALA B 164 -18.11 3.11 13.01
N GLU B 165 -18.77 4.17 13.46
CA GLU B 165 -20.13 4.07 13.98
C GLU B 165 -21.05 3.40 12.97
N GLY B 166 -21.70 2.30 13.38
CA GLY B 166 -22.63 1.57 12.55
C GLY B 166 -21.98 0.67 11.53
N LYS B 167 -20.65 0.63 11.51
CA LYS B 167 -19.91 -0.04 10.45
C LYS B 167 -19.34 -1.37 10.90
N HIS B 168 -19.33 -1.61 12.22
CA HIS B 168 -18.92 -2.90 12.73
C HIS B 168 -17.59 -3.31 12.12
N VAL B 169 -16.59 -2.45 12.31
CA VAL B 169 -15.31 -2.66 11.67
C VAL B 169 -14.61 -3.87 12.28
N PRO B 170 -13.81 -4.57 11.48
CA PRO B 170 -13.07 -5.73 11.99
C PRO B 170 -11.95 -5.35 12.97
N LEU B 171 -11.34 -6.37 13.56
CA LEU B 171 -10.41 -6.21 14.68
C LEU B 171 -9.24 -5.29 14.36
N ASP B 172 -8.65 -5.39 13.16
CA ASP B 172 -7.48 -4.55 12.86
C ASP B 172 -7.82 -3.05 12.85
N ALA B 173 -8.96 -2.71 12.27
CA ALA B 173 -9.43 -1.33 12.22
C ALA B 173 -9.89 -0.87 13.61
N LEU B 174 -10.45 -1.80 14.37
CA LEU B 174 -10.92 -1.50 15.71
C LEU B 174 -9.73 -1.19 16.62
N GLU B 175 -8.69 -2.00 16.51
CA GLU B 175 -7.48 -1.78 17.26
C GLU B 175 -6.88 -0.42 16.92
N ARG B 176 -6.95 -0.05 15.65
CA ARG B 176 -6.39 1.20 15.17
C ARG B 176 -7.13 2.38 15.79
N ILE B 177 -8.45 2.27 15.91
CA ILE B 177 -9.25 3.29 16.54
C ILE B 177 -8.72 3.51 17.96
N HIS B 178 -8.65 2.42 18.73
CA HIS B 178 -8.37 2.50 20.16
C HIS B 178 -6.97 2.97 20.48
N ARG B 179 -6.01 2.52 19.68
CA ARG B 179 -4.64 2.95 19.86
C ARG B 179 -4.51 4.45 19.64
N HIS B 180 -5.22 4.99 18.64
CA HIS B 180 -5.22 6.42 18.36
C HIS B 180 -6.03 7.20 19.41
N LYS B 181 -7.28 6.83 19.61
CA LYS B 181 -8.14 7.70 20.43
C LYS B 181 -7.80 7.70 21.92
N THR B 182 -7.14 6.63 22.37
CA THR B 182 -6.90 6.40 23.79
C THR B 182 -5.45 6.02 24.08
N GLY B 183 -4.88 5.15 23.26
CA GLY B 183 -3.51 4.74 23.43
C GLY B 183 -2.50 5.88 23.29
N ALA B 184 -2.73 6.79 22.35
CA ALA B 184 -1.73 7.81 22.06
C ALA B 184 -1.45 8.69 23.29
N LEU B 185 -2.50 9.05 24.01
CA LEU B 185 -2.38 10.00 25.11
C LEU B 185 -1.88 9.29 26.35
N ILE B 186 -2.17 8.01 26.48
CA ILE B 186 -1.60 7.25 27.58
C ILE B 186 -0.08 7.08 27.36
N ARG B 187 0.31 6.83 26.11
CA ARG B 187 1.72 6.85 25.78
C ARG B 187 2.35 8.21 26.04
N ALA B 188 1.63 9.29 25.74
CA ALA B 188 2.15 10.63 25.97
C ALA B 188 2.42 10.86 27.44
N ALA B 189 1.52 10.38 28.31
CA ALA B 189 1.72 10.50 29.77
C ALA B 189 3.01 9.84 30.22
N VAL B 190 3.22 8.61 29.76
CA VAL B 190 4.42 7.86 30.10
C VAL B 190 5.65 8.56 29.55
N ARG B 191 5.58 8.95 28.27
CA ARG B 191 6.69 9.61 27.61
C ARG B 191 7.03 10.91 28.31
N LEU B 192 6.02 11.67 28.70
CA LEU B 192 6.25 12.96 29.34
C LEU B 192 7.00 12.79 30.68
N GLY B 193 6.63 11.76 31.44
CA GLY B 193 7.37 11.42 32.65
C GLY B 193 8.83 11.09 32.37
N ALA B 194 9.06 10.28 31.34
CA ALA B 194 10.41 9.89 30.98
C ALA B 194 11.21 11.08 30.42
N LEU B 195 10.57 11.94 29.63
CA LEU B 195 11.23 13.09 29.03
C LEU B 195 11.66 14.11 30.07
N SER B 196 11.04 14.06 31.24
CA SER B 196 11.43 14.92 32.35
C SER B 196 12.77 14.48 32.95
N ALA B 197 13.31 13.35 32.51
CA ALA B 197 14.42 12.66 33.18
C ALA B 197 15.69 12.48 32.33
N GLY B 198 15.90 13.34 31.33
CA GLY B 198 17.17 13.40 30.61
C GLY B 198 17.53 12.10 29.92
N ASP B 199 18.83 11.77 29.87
CA ASP B 199 19.34 10.56 29.21
C ASP B 199 18.74 9.25 29.75
N LYS B 200 18.59 9.15 31.07
CA LYS B 200 18.15 7.88 31.67
C LYS B 200 16.69 7.58 31.30
N GLY B 201 15.86 8.62 31.28
CA GLY B 201 14.47 8.51 30.87
C GLY B 201 14.36 8.15 29.41
N ARG B 202 15.15 8.81 28.58
CA ARG B 202 15.20 8.50 27.16
C ARG B 202 15.74 7.08 26.86
N ARG B 203 16.67 6.59 27.67
CA ARG B 203 17.19 5.24 27.52
C ARG B 203 16.08 4.20 27.76
N ALA B 204 15.17 4.51 28.69
CA ALA B 204 14.04 3.64 29.03
C ALA B 204 12.87 3.73 28.05
N LEU B 205 12.89 4.71 27.16
CA LEU B 205 11.75 4.96 26.26
C LEU B 205 11.30 3.79 25.40
N PRO B 206 12.22 3.07 24.74
CA PRO B 206 11.79 1.92 23.93
C PRO B 206 10.94 0.93 24.72
N VAL B 207 11.37 0.59 25.93
CA VAL B 207 10.59 -0.35 26.75
C VAL B 207 9.33 0.31 27.35
N LEU B 208 9.44 1.55 27.80
CA LEU B 208 8.29 2.28 28.37
C LEU B 208 7.20 2.48 27.32
N ASP B 209 7.63 2.69 26.09
CA ASP B 209 6.73 2.80 24.97
C ASP B 209 5.92 1.53 24.78
N LYS B 210 6.54 0.36 24.88
CA LYS B 210 5.83 -0.89 24.67
C LYS B 210 4.87 -1.10 25.83
N TYR B 211 5.32 -0.77 27.03
CA TYR B 211 4.47 -0.78 28.21
C TYR B 211 3.24 0.08 27.96
N ALA B 212 3.46 1.32 27.53
CA ALA B 212 2.39 2.28 27.32
C ALA B 212 1.44 1.84 26.20
N GLU B 213 1.99 1.22 25.17
CA GLU B 213 1.19 0.80 24.04
C GLU B 213 0.20 -0.24 24.48
N SER B 214 0.64 -1.18 25.32
CA SER B 214 -0.24 -2.24 25.76
C SER B 214 -1.26 -1.77 26.78
N ILE B 215 -0.87 -0.97 27.78
CA ILE B 215 -1.84 -0.49 28.78
C ILE B 215 -2.82 0.50 28.14
N GLY B 216 -2.36 1.24 27.14
CA GLY B 216 -3.17 2.22 26.43
C GLY B 216 -4.28 1.56 25.65
N LEU B 217 -3.97 0.50 24.92
CA LEU B 217 -5.01 -0.29 24.25
C LEU B 217 -5.90 -0.94 25.28
N ALA B 218 -5.29 -1.55 26.29
CA ALA B 218 -6.04 -2.24 27.34
C ALA B 218 -7.07 -1.32 27.99
N PHE B 219 -6.71 -0.05 28.12
CA PHE B 219 -7.50 0.93 28.81
C PHE B 219 -8.82 1.12 28.09
N GLN B 220 -8.75 1.22 26.77
CA GLN B 220 -9.94 1.40 25.97
C GLN B 220 -10.74 0.11 25.83
N VAL B 221 -10.10 -1.05 25.83
CA VAL B 221 -10.95 -2.27 25.78
C VAL B 221 -11.71 -2.37 27.10
N GLN B 222 -11.09 -1.98 28.21
CA GLN B 222 -11.78 -1.99 29.50
C GLN B 222 -12.88 -0.96 29.52
N ASP B 223 -12.63 0.21 28.95
CA ASP B 223 -13.68 1.21 28.81
C ASP B 223 -14.86 0.64 28.00
N ASP B 224 -14.59 -0.09 26.92
CA ASP B 224 -15.67 -0.71 26.12
C ASP B 224 -16.43 -1.75 26.94
N ILE B 225 -15.69 -2.59 27.65
CA ILE B 225 -16.28 -3.62 28.49
C ILE B 225 -17.17 -3.01 29.57
N LEU B 226 -16.69 -1.94 30.21
CA LEU B 226 -17.43 -1.31 31.29
C LEU B 226 -18.69 -0.66 30.77
N ASP B 227 -18.65 -0.19 29.54
CA ASP B 227 -19.83 0.38 28.92
C ASP B 227 -20.97 -0.64 28.87
N VAL B 228 -20.65 -1.90 28.62
CA VAL B 228 -21.72 -2.91 28.54
C VAL B 228 -22.10 -3.48 29.92
N VAL B 229 -21.12 -3.81 30.76
CA VAL B 229 -21.37 -4.50 32.04
C VAL B 229 -21.44 -3.62 33.28
N GLY B 230 -20.90 -2.40 33.23
CA GLY B 230 -20.83 -1.54 34.40
C GLY B 230 -22.19 -0.97 34.77
N ASP B 231 -22.33 -0.50 36.00
CA ASP B 231 -23.54 0.19 36.45
C ASP B 231 -23.31 1.68 36.27
N THR B 232 -24.29 2.39 35.72
CA THR B 232 -24.21 3.85 35.56
C THR B 232 -23.76 4.56 36.85
N ALA B 233 -24.31 4.17 38.01
CA ALA B 233 -23.98 4.82 39.28
C ALA B 233 -22.49 4.72 39.63
N THR B 234 -21.88 3.59 39.25
CA THR B 234 -20.48 3.34 39.50
C THR B 234 -19.54 4.00 38.47
N LEU B 235 -19.85 3.81 37.19
CA LEU B 235 -19.08 4.38 36.06
C LEU B 235 -19.05 5.91 36.04
N GLY B 236 -20.14 6.53 36.49
CA GLY B 236 -20.33 7.95 36.33
C GLY B 236 -20.84 8.37 34.96
N LYS B 237 -21.06 7.40 34.07
CA LYS B 237 -21.57 7.65 32.74
C LYS B 237 -22.48 6.47 32.33
N ARG B 238 -23.30 6.68 31.32
CA ARG B 238 -24.38 5.75 30.99
C ARG B 238 -23.88 4.40 30.45
N GLN B 239 -24.20 3.35 31.18
CA GLN B 239 -24.11 2.00 30.67
C GLN B 239 -24.87 1.94 29.36
N GLY B 240 -24.32 1.22 28.39
CA GLY B 240 -25.05 0.92 27.16
C GLY B 240 -24.98 2.00 26.11
N ALA B 241 -24.22 3.08 26.34
CA ALA B 241 -24.15 4.19 25.41
C ALA B 241 -23.56 3.80 24.04
N ASP B 242 -22.60 2.89 24.03
CA ASP B 242 -21.98 2.44 22.78
C ASP B 242 -22.95 1.64 21.93
N GLN B 243 -23.73 0.77 22.57
CA GLN B 243 -24.73 -0.04 21.86
C GLN B 243 -25.82 0.84 21.24
N GLN B 244 -26.29 1.83 22.01
CA GLN B 244 -27.21 2.87 21.52
C GLN B 244 -26.77 3.49 20.18
N LEU B 245 -25.49 3.87 20.09
CA LEU B 245 -24.95 4.57 18.91
C LEU B 245 -24.34 3.63 17.86
N GLY B 246 -24.26 2.35 18.17
CA GLY B 246 -23.62 1.39 17.30
C GLY B 246 -22.12 1.59 17.13
N LYS B 247 -21.44 1.95 18.23
CA LYS B 247 -19.99 2.10 18.19
C LYS B 247 -19.35 0.76 17.88
N SER B 248 -18.29 0.81 17.08
CA SER B 248 -17.39 -0.33 16.94
C SER B 248 -16.60 -0.44 18.22
N THR B 249 -16.72 -1.60 18.89
CA THR B 249 -16.05 -1.84 20.17
C THR B 249 -15.54 -3.28 20.26
N TYR B 250 -14.63 -3.51 21.19
CA TYR B 250 -14.13 -4.85 21.43
C TYR B 250 -15.24 -5.85 21.86
N PRO B 251 -16.05 -5.52 22.87
CA PRO B 251 -17.14 -6.42 23.26
C PRO B 251 -18.19 -6.63 22.16
N ALA B 252 -18.46 -5.60 21.37
CA ALA B 252 -19.47 -5.71 20.32
C ALA B 252 -19.03 -6.71 19.29
N LEU B 253 -17.76 -6.63 18.91
CA LEU B 253 -17.19 -7.52 17.91
C LEU B 253 -16.90 -8.92 18.44
N LEU B 254 -16.24 -9.00 19.59
CA LEU B 254 -15.61 -10.22 20.07
C LEU B 254 -16.40 -10.90 21.17
N GLY B 255 -17.43 -10.22 21.65
CA GLY B 255 -18.10 -10.64 22.85
C GLY B 255 -17.25 -10.27 24.07
N LEU B 256 -17.89 -10.35 25.23
CA LEU B 256 -17.29 -9.91 26.47
C LEU B 256 -16.12 -10.75 26.92
N GLU B 257 -16.20 -12.07 26.76
CA GLU B 257 -15.15 -12.92 27.30
C GLU B 257 -13.86 -12.76 26.52
N GLN B 258 -13.95 -12.72 25.19
CA GLN B 258 -12.76 -12.51 24.37
C GLN B 258 -12.22 -11.08 24.56
N ALA B 259 -13.10 -10.11 24.76
CA ALA B 259 -12.67 -8.74 25.03
C ALA B 259 -11.86 -8.71 26.34
N ARG B 260 -12.36 -9.38 27.37
CA ARG B 260 -11.65 -9.46 28.66
C ARG B 260 -10.30 -10.15 28.50
N LYS B 261 -10.27 -11.21 27.70
CA LYS B 261 -9.06 -11.97 27.47
C LYS B 261 -8.05 -11.10 26.71
N LYS B 262 -8.52 -10.30 25.76
CA LYS B 262 -7.63 -9.40 25.02
C LYS B 262 -7.00 -8.41 25.99
N ALA B 263 -7.79 -7.86 26.89
CA ALA B 263 -7.30 -6.91 27.86
C ALA B 263 -6.26 -7.56 28.76
N ARG B 264 -6.53 -8.76 29.24
CA ARG B 264 -5.59 -9.42 30.15
C ARG B 264 -4.30 -9.78 29.42
N ASP B 265 -4.43 -10.18 28.16
CA ASP B 265 -3.27 -10.42 27.30
C ASP B 265 -2.36 -9.18 27.20
N LEU B 266 -2.99 -8.00 27.11
CA LEU B 266 -2.27 -6.75 26.96
C LEU B 266 -1.56 -6.39 28.24
N ILE B 267 -2.23 -6.58 29.36
CA ILE B 267 -1.59 -6.36 30.65
C ILE B 267 -0.46 -7.37 30.90
N ASP B 268 -0.64 -8.62 30.50
CA ASP B 268 0.43 -9.61 30.60
C ASP B 268 1.67 -9.07 29.86
N ASP B 269 1.44 -8.52 28.68
CA ASP B 269 2.50 -7.97 27.85
C ASP B 269 3.12 -6.73 28.50
N ALA B 270 2.28 -5.85 29.07
CA ALA B 270 2.77 -4.68 29.82
C ALA B 270 3.71 -5.11 30.96
N ARG B 271 3.34 -6.17 31.67
CA ARG B 271 4.16 -6.71 32.75
C ARG B 271 5.50 -7.28 32.26
N GLN B 272 5.52 -7.89 31.08
CA GLN B 272 6.76 -8.36 30.48
C GLN B 272 7.68 -7.16 30.18
N SER B 273 7.11 -6.07 29.63
CA SER B 273 7.87 -4.83 29.43
C SER B 273 8.40 -4.26 30.75
N LEU B 274 7.59 -4.29 31.80
CA LEU B 274 8.05 -3.76 33.07
C LEU B 274 9.23 -4.59 33.61
N LYS B 275 9.21 -5.90 33.38
CA LYS B 275 10.29 -6.79 33.80
C LYS B 275 11.62 -6.32 33.21
N GLN B 276 11.60 -5.92 31.94
CA GLN B 276 12.80 -5.45 31.25
C GLN B 276 13.34 -4.15 31.84
N LEU B 277 12.46 -3.32 32.41
CA LEU B 277 12.86 -2.08 33.10
C LEU B 277 13.49 -2.29 34.47
N ALA B 278 12.99 -3.27 35.22
CA ALA B 278 13.64 -3.69 36.44
C ALA B 278 14.90 -4.51 36.10
N GLU B 279 15.45 -4.30 34.91
CA GLU B 279 16.80 -4.72 34.53
C GLU B 279 17.67 -3.50 34.19
N GLN B 280 17.05 -2.33 34.07
CA GLN B 280 17.74 -1.04 34.06
C GLN B 280 17.73 -0.45 35.48
N SER B 281 17.50 -1.32 36.46
CA SER B 281 17.45 -0.97 37.89
C SER B 281 16.33 0.00 38.29
N LEU B 282 15.14 -0.19 37.75
CA LEU B 282 14.04 0.73 38.01
C LEU B 282 12.94 0.07 38.83
N ASP B 283 12.36 0.86 39.72
CA ASP B 283 11.25 0.44 40.56
C ASP B 283 9.95 0.59 39.76
N THR B 284 9.48 -0.53 39.20
CA THR B 284 8.27 -0.54 38.38
C THR B 284 6.98 -0.78 39.19
N SER B 285 7.05 -0.76 40.52
CA SER B 285 5.91 -1.16 41.35
C SER B 285 4.62 -0.38 41.08
N ALA B 286 4.70 0.95 40.98
CA ALA B 286 3.51 1.76 40.66
C ALA B 286 2.94 1.46 39.28
N LEU B 287 3.80 1.28 38.27
CA LEU B 287 3.36 1.04 36.91
C LEU B 287 2.79 -0.35 36.77
N GLU B 288 3.27 -1.28 37.60
CA GLU B 288 2.72 -2.62 37.64
C GLU B 288 1.32 -2.58 38.26
N ALA B 289 1.17 -1.87 39.38
CA ALA B 289 -0.11 -1.83 40.09
C ALA B 289 -1.15 -1.13 39.21
N LEU B 290 -0.73 -0.09 38.52
CA LEU B 290 -1.60 0.65 37.62
C LEU B 290 -2.04 -0.19 36.45
N ALA B 291 -1.13 -0.97 35.89
CA ALA B 291 -1.46 -1.82 34.75
C ALA B 291 -2.58 -2.81 35.12
N ASP B 292 -2.43 -3.48 36.27
CA ASP B 292 -3.47 -4.36 36.79
C ASP B 292 -4.77 -3.60 36.99
N TYR B 293 -4.68 -2.44 37.60
CA TYR B 293 -5.88 -1.67 37.90
C TYR B 293 -6.64 -1.27 36.64
N ILE B 294 -5.91 -1.05 35.54
CA ILE B 294 -6.53 -0.65 34.29
C ILE B 294 -7.59 -1.66 33.81
N ILE B 295 -7.36 -2.95 34.07
CA ILE B 295 -8.33 -3.98 33.70
C ILE B 295 -9.11 -4.57 34.88
N GLN B 296 -8.82 -4.14 36.11
CA GLN B 296 -9.53 -4.63 37.30
C GLN B 296 -10.59 -3.65 37.78
N ARG B 297 -10.42 -2.37 37.42
CA ARG B 297 -11.33 -1.30 37.82
C ARG B 297 -12.73 -1.52 37.30
N ASN B 298 -13.71 -1.04 38.07
CA ASN B 298 -15.12 -1.07 37.72
C ASN B 298 -15.64 0.34 37.36
N LYS B 299 -14.71 1.28 37.23
CA LYS B 299 -15.01 2.68 36.95
C LYS B 299 -13.88 3.33 36.19
#